data_1RXM
#
_entry.id   1RXM
#
_cell.length_a   101.127
_cell.length_b   101.127
_cell.length_c   203.148
_cell.angle_alpha   90.00
_cell.angle_beta   90.00
_cell.angle_gamma   120.00
#
_symmetry.space_group_name_H-M   'H 3 2'
#
loop_
_entity.id
_entity.type
_entity.pdbx_description
1 polymer 'DNA polymerase sliding clamp'
2 polymer 'consensus FEN-1 peptide'
3 water water
#
loop_
_entity_poly.entity_id
_entity_poly.type
_entity_poly.pdbx_seq_one_letter_code
_entity_poly.pdbx_strand_id
1 'polypeptide(L)'
;MIDVIMTGELLKTVTRAIVALVSEARIHFLEKGLHSRAVDPANVAMVIVDIPKDSFEVYNIDEEKTIGVDMDRIFDISKS
ISTKDLVELIVEDESTLKVKFGSVEYKVALIDPSAIRKEPRIPELELPAKIVMDAGEFKKAIAAADKISDQVIFRSDKEG
FRIEAKGDVDSIVFHMTETELIEFNGGEARSMFSVDYLKEFCKVAGSGDLLTIHLGTNYPVRLVFELVGGRAKVEYILAP
RIESE
;
A
2 'polypeptide(L)' KTTQSTLDSFFK B
#
# COMPACT_ATOMS: atom_id res chain seq x y z
N MET A 1 -6.11 18.41 20.64
CA MET A 1 -7.28 17.73 20.02
C MET A 1 -7.06 17.40 18.56
N ILE A 2 -7.72 16.35 18.08
CA ILE A 2 -7.63 15.94 16.69
C ILE A 2 -9.06 15.85 16.17
N ASP A 3 -9.36 16.58 15.10
CA ASP A 3 -10.71 16.55 14.55
C ASP A 3 -10.70 16.71 13.04
N VAL A 4 -10.76 15.59 12.34
CA VAL A 4 -10.77 15.57 10.89
C VAL A 4 -12.06 14.98 10.31
N ILE A 5 -12.37 15.37 9.08
CA ILE A 5 -13.55 14.90 8.38
C ILE A 5 -13.12 14.48 6.98
N MET A 6 -13.33 13.22 6.66
CA MET A 6 -12.95 12.69 5.35
C MET A 6 -14.11 11.91 4.75
N THR A 7 -13.95 11.47 3.51
CA THR A 7 -15.02 10.71 2.86
C THR A 7 -14.84 9.24 3.23
N GLY A 8 -15.90 8.47 3.07
CA GLY A 8 -15.81 7.06 3.40
C GLY A 8 -14.81 6.33 2.54
N GLU A 9 -14.81 6.63 1.24
CA GLU A 9 -13.88 5.97 0.33
C GLU A 9 -12.44 6.17 0.77
N LEU A 10 -12.10 7.39 1.15
CA LEU A 10 -10.75 7.68 1.59
C LEU A 10 -10.39 6.88 2.86
N LEU A 11 -11.26 6.91 3.87
CA LEU A 11 -11.01 6.19 5.13
C LEU A 11 -11.00 4.67 4.94
N LYS A 12 -11.94 4.16 4.16
CA LYS A 12 -12.01 2.72 3.92
C LYS A 12 -10.78 2.26 3.14
N THR A 13 -10.16 3.16 2.39
CA THR A 13 -8.99 2.82 1.60
C THR A 13 -7.71 2.68 2.39
N VAL A 14 -7.47 3.57 3.35
CA VAL A 14 -6.24 3.45 4.10
C VAL A 14 -6.32 2.37 5.16
N THR A 15 -7.51 2.18 5.74
CA THR A 15 -7.62 1.14 6.75
C THR A 15 -7.35 -0.22 6.08
N ARG A 16 -7.86 -0.42 4.87
CA ARG A 16 -7.63 -1.66 4.16
C ARG A 16 -6.16 -1.78 3.74
N ALA A 17 -5.62 -0.74 3.13
CA ALA A 17 -4.24 -0.78 2.72
C ALA A 17 -3.35 -1.20 3.89
N ILE A 18 -3.62 -0.65 5.07
CA ILE A 18 -2.85 -0.96 6.26
C ILE A 18 -3.15 -2.35 6.87
N VAL A 19 -4.42 -2.63 7.13
CA VAL A 19 -4.83 -3.89 7.73
C VAL A 19 -4.39 -5.09 6.89
N ALA A 20 -4.06 -4.86 5.64
CA ALA A 20 -3.60 -5.93 4.76
C ALA A 20 -2.28 -6.51 5.24
N LEU A 21 -1.55 -5.77 6.07
CA LEU A 21 -0.27 -6.26 6.54
C LEU A 21 -0.18 -6.37 8.05
N VAL A 22 -0.78 -5.42 8.75
CA VAL A 22 -0.74 -5.40 10.21
C VAL A 22 -2.09 -5.29 10.88
N SER A 23 -2.12 -5.63 12.17
CA SER A 23 -3.35 -5.59 12.96
C SER A 23 -3.45 -4.32 13.80
N GLU A 24 -2.32 -3.83 14.31
CA GLU A 24 -2.28 -2.59 15.09
C GLU A 24 -1.36 -1.66 14.32
N ALA A 25 -1.42 -0.35 14.58
CA ALA A 25 -0.54 0.55 13.86
C ALA A 25 -0.44 1.94 14.45
N ARG A 26 0.67 2.62 14.16
CA ARG A 26 0.88 3.97 14.61
C ARG A 26 0.41 4.88 13.49
N ILE A 27 -0.53 5.76 13.79
CA ILE A 27 -1.03 6.72 12.80
C ILE A 27 -0.52 8.09 13.23
N HIS A 28 0.17 8.78 12.32
CA HIS A 28 0.71 10.11 12.62
C HIS A 28 -0.09 11.20 11.94
N PHE A 29 -0.57 12.15 12.73
CA PHE A 29 -1.31 13.30 12.20
C PHE A 29 -0.34 14.47 12.20
N LEU A 30 0.25 14.74 11.05
CA LEU A 30 1.21 15.82 10.91
C LEU A 30 0.61 17.05 10.25
N GLU A 31 1.30 18.18 10.39
CA GLU A 31 0.84 19.45 9.84
C GLU A 31 0.44 19.36 8.38
N LYS A 32 1.13 18.52 7.63
CA LYS A 32 0.84 18.39 6.21
C LYS A 32 -0.03 17.20 5.86
N GLY A 33 -0.56 16.53 6.89
CA GLY A 33 -1.42 15.39 6.66
C GLY A 33 -1.21 14.15 7.49
N LEU A 34 -1.91 13.09 7.10
CA LEU A 34 -1.86 11.81 7.79
C LEU A 34 -0.76 10.90 7.22
N HIS A 35 -0.03 10.25 8.12
CA HIS A 35 1.04 9.35 7.73
C HIS A 35 1.00 8.09 8.58
N SER A 36 1.43 6.99 7.99
CA SER A 36 1.46 5.71 8.68
C SER A 36 2.22 4.68 7.88
N ARG A 37 2.82 3.73 8.55
CA ARG A 37 3.55 2.69 7.86
C ARG A 37 3.77 1.51 8.78
N ALA A 38 3.85 0.32 8.18
CA ALA A 38 4.04 -0.89 8.96
C ALA A 38 4.64 -1.99 8.09
N VAL A 39 5.16 -3.02 8.75
CA VAL A 39 5.75 -4.15 8.08
C VAL A 39 4.94 -5.34 8.55
N ASP A 40 4.59 -6.24 7.65
CA ASP A 40 3.79 -7.39 8.07
C ASP A 40 4.64 -8.30 8.95
N PRO A 41 3.99 -9.19 9.71
CA PRO A 41 4.77 -10.08 10.56
C PRO A 41 5.63 -11.11 9.83
N ALA A 42 5.68 -11.06 8.50
CA ALA A 42 6.49 -12.01 7.75
C ALA A 42 7.84 -11.38 7.50
N ASN A 43 7.87 -10.05 7.57
CA ASN A 43 9.08 -9.29 7.33
C ASN A 43 9.36 -9.38 5.82
N VAL A 44 8.29 -9.32 5.05
CA VAL A 44 8.34 -9.41 3.59
C VAL A 44 7.79 -8.14 2.92
N ALA A 45 6.69 -7.61 3.43
CA ALA A 45 6.08 -6.44 2.83
C ALA A 45 5.93 -5.25 3.77
N MET A 46 5.99 -4.07 3.17
CA MET A 46 5.88 -2.81 3.89
C MET A 46 4.88 -1.89 3.18
N VAL A 47 4.04 -1.21 3.94
CA VAL A 47 3.08 -0.29 3.38
C VAL A 47 3.28 1.10 3.99
N ILE A 48 3.29 2.13 3.15
CA ILE A 48 3.46 3.50 3.60
C ILE A 48 2.27 4.31 3.11
N VAL A 49 1.53 4.91 4.03
CA VAL A 49 0.36 5.70 3.68
C VAL A 49 0.52 7.18 3.94
N ASP A 50 0.10 7.98 2.98
CA ASP A 50 0.15 9.44 3.09
C ASP A 50 -1.08 10.06 2.47
N ILE A 51 -1.83 10.78 3.30
CA ILE A 51 -3.03 11.47 2.86
C ILE A 51 -2.83 12.95 3.18
N PRO A 52 -2.50 13.77 2.17
CA PRO A 52 -2.28 15.22 2.38
C PRO A 52 -3.54 15.93 2.87
N LYS A 53 -3.35 16.83 3.83
CA LYS A 53 -4.43 17.59 4.46
C LYS A 53 -5.50 18.09 3.50
N ASP A 54 -5.11 18.54 2.31
CA ASP A 54 -6.08 19.03 1.36
C ASP A 54 -7.07 17.97 0.90
N SER A 55 -6.74 16.71 1.14
CA SER A 55 -7.63 15.61 0.77
C SER A 55 -8.81 15.60 1.73
N PHE A 56 -8.55 15.96 2.98
CA PHE A 56 -9.58 16.04 4.02
C PHE A 56 -10.50 17.21 3.72
N GLU A 57 -11.78 17.06 4.04
CA GLU A 57 -12.73 18.15 3.85
C GLU A 57 -12.44 19.12 5.00
N VAL A 58 -12.10 18.54 6.15
CA VAL A 58 -11.75 19.30 7.34
C VAL A 58 -10.59 18.55 7.97
N TYR A 59 -9.62 19.28 8.52
CA TYR A 59 -8.43 18.67 9.13
C TYR A 59 -7.88 19.61 10.19
N ASN A 60 -8.36 19.49 11.43
CA ASN A 60 -7.89 20.34 12.51
C ASN A 60 -7.15 19.63 13.62
N ILE A 61 -6.03 20.22 14.02
CA ILE A 61 -5.24 19.68 15.11
C ILE A 61 -4.63 20.85 15.86
N ASP A 62 -4.14 20.58 17.06
CA ASP A 62 -3.53 21.63 17.86
C ASP A 62 -2.03 21.44 17.84
N GLU A 63 -1.62 20.21 17.56
CA GLU A 63 -0.20 19.84 17.50
C GLU A 63 -0.13 18.54 16.71
N GLU A 64 1.08 18.04 16.48
CA GLU A 64 1.23 16.79 15.76
C GLU A 64 1.18 15.69 16.80
N LYS A 65 0.19 14.83 16.68
CA LYS A 65 0.00 13.74 17.62
C LYS A 65 0.20 12.40 16.90
N THR A 66 0.43 11.35 17.69
CA THR A 66 0.59 10.00 17.15
C THR A 66 -0.32 9.11 18.00
N ILE A 67 -1.05 8.21 17.35
CA ILE A 67 -1.94 7.34 18.09
C ILE A 67 -1.76 5.88 17.72
N GLY A 68 -2.06 5.01 18.69
CA GLY A 68 -1.97 3.58 18.46
C GLY A 68 -3.37 3.11 18.15
N VAL A 69 -3.57 2.62 16.94
CA VAL A 69 -4.90 2.17 16.52
C VAL A 69 -5.02 0.67 16.27
N ASP A 70 -6.14 0.09 16.70
CA ASP A 70 -6.44 -1.32 16.47
C ASP A 70 -7.07 -1.29 15.07
N MET A 71 -6.26 -1.56 14.06
CA MET A 71 -6.71 -1.52 12.68
C MET A 71 -7.74 -2.58 12.32
N ASP A 72 -7.69 -3.75 12.96
CA ASP A 72 -8.67 -4.78 12.68
C ASP A 72 -10.02 -4.22 13.06
N ARG A 73 -10.06 -3.47 14.14
CA ARG A 73 -11.30 -2.87 14.62
C ARG A 73 -11.80 -1.73 13.72
N ILE A 74 -10.90 -0.83 13.32
CA ILE A 74 -11.28 0.29 12.46
C ILE A 74 -11.73 -0.25 11.12
N PHE A 75 -11.08 -1.29 10.64
CA PHE A 75 -11.44 -1.90 9.36
C PHE A 75 -12.85 -2.44 9.47
N ASP A 76 -13.05 -3.27 10.48
CA ASP A 76 -14.35 -3.87 10.73
C ASP A 76 -15.46 -2.83 10.75
N ILE A 77 -15.19 -1.69 11.38
CA ILE A 77 -16.18 -0.62 11.48
C ILE A 77 -16.40 0.13 10.17
N SER A 78 -15.35 0.35 9.39
CA SER A 78 -15.48 1.09 8.14
C SER A 78 -16.33 0.40 7.08
N LYS A 79 -16.66 -0.87 7.29
CA LYS A 79 -17.50 -1.60 6.35
C LYS A 79 -18.93 -1.05 6.43
N SER A 80 -19.24 -0.40 7.55
CA SER A 80 -20.56 0.16 7.77
C SER A 80 -20.64 1.58 7.23
N ILE A 81 -19.49 2.16 6.91
CA ILE A 81 -19.42 3.51 6.37
C ILE A 81 -19.55 3.42 4.86
N SER A 82 -20.33 4.31 4.28
CA SER A 82 -20.53 4.31 2.85
C SER A 82 -19.46 5.10 2.11
N THR A 83 -19.25 4.73 0.86
CA THR A 83 -18.26 5.37 0.00
C THR A 83 -18.45 6.87 -0.07
N LYS A 84 -19.68 7.28 -0.37
CA LYS A 84 -20.03 8.69 -0.49
C LYS A 84 -20.41 9.31 0.85
N ASP A 85 -20.30 8.52 1.91
CA ASP A 85 -20.62 8.97 3.26
C ASP A 85 -19.44 9.79 3.78
N LEU A 86 -19.70 10.79 4.62
CA LEU A 86 -18.62 11.57 5.20
C LEU A 86 -18.40 11.07 6.62
N VAL A 87 -17.15 10.89 7.01
CA VAL A 87 -16.83 10.42 8.36
C VAL A 87 -15.89 11.33 9.13
N GLU A 88 -16.20 11.52 10.40
CA GLU A 88 -15.41 12.37 11.29
C GLU A 88 -14.63 11.57 12.31
N LEU A 89 -13.32 11.77 12.34
CA LEU A 89 -12.47 11.09 13.31
C LEU A 89 -12.15 12.12 14.37
N ILE A 90 -12.37 11.76 15.63
CA ILE A 90 -12.09 12.69 16.71
C ILE A 90 -11.33 12.08 17.88
N VAL A 91 -10.29 12.77 18.32
CA VAL A 91 -9.51 12.31 19.45
C VAL A 91 -9.39 13.46 20.45
N GLU A 92 -10.29 13.48 21.43
CA GLU A 92 -10.30 14.52 22.46
C GLU A 92 -9.35 14.10 23.57
N ASP A 93 -9.74 13.09 24.34
CA ASP A 93 -8.88 12.60 25.42
C ASP A 93 -7.80 11.76 24.76
N GLU A 94 -6.81 11.34 25.56
CA GLU A 94 -5.70 10.56 25.03
C GLU A 94 -5.85 9.05 25.27
N SER A 95 -7.05 8.52 25.09
CA SER A 95 -7.22 7.08 25.29
C SER A 95 -8.33 6.48 24.45
N THR A 96 -9.14 7.31 23.81
CA THR A 96 -10.22 6.81 22.98
C THR A 96 -10.39 7.57 21.66
N LEU A 97 -10.70 6.83 20.61
CA LEU A 97 -10.91 7.38 19.27
C LEU A 97 -12.38 7.35 18.88
N LYS A 98 -12.90 8.50 18.45
CA LYS A 98 -14.30 8.60 18.03
C LYS A 98 -14.44 8.63 16.51
N VAL A 99 -15.32 7.79 15.98
CA VAL A 99 -15.55 7.73 14.55
C VAL A 99 -17.02 8.02 14.27
N LYS A 100 -17.30 9.16 13.62
CA LYS A 100 -18.66 9.57 13.31
C LYS A 100 -19.08 9.55 11.85
N PHE A 101 -20.26 9.01 11.61
CA PHE A 101 -20.83 8.93 10.28
C PHE A 101 -22.30 8.59 10.46
N GLY A 102 -23.16 9.13 9.60
CA GLY A 102 -24.58 8.88 9.73
C GLY A 102 -25.06 9.42 11.06
N SER A 103 -25.87 8.64 11.76
CA SER A 103 -26.37 9.03 13.09
C SER A 103 -25.72 8.11 14.11
N VAL A 104 -24.52 7.67 13.79
CA VAL A 104 -23.76 6.76 14.64
C VAL A 104 -22.45 7.36 15.16
N GLU A 105 -22.11 7.00 16.39
CA GLU A 105 -20.88 7.43 17.01
C GLU A 105 -20.23 6.18 17.55
N TYR A 106 -19.03 5.91 17.06
CA TYR A 106 -18.26 4.74 17.47
C TYR A 106 -17.06 5.19 18.27
N LYS A 107 -16.85 4.58 19.44
CA LYS A 107 -15.71 4.92 20.28
C LYS A 107 -14.83 3.68 20.49
N VAL A 108 -13.52 3.88 20.57
CA VAL A 108 -12.61 2.76 20.75
C VAL A 108 -11.35 3.16 21.50
N ALA A 109 -10.91 2.27 22.38
CA ALA A 109 -9.72 2.49 23.18
C ALA A 109 -8.51 2.55 22.27
N LEU A 110 -7.67 3.55 22.47
CA LEU A 110 -6.45 3.70 21.68
C LEU A 110 -5.38 2.81 22.29
N ILE A 111 -4.32 2.56 21.54
CA ILE A 111 -3.22 1.77 22.06
C ILE A 111 -2.05 2.70 22.29
N ASP A 112 -1.35 2.50 23.40
CA ASP A 112 -0.18 3.32 23.70
C ASP A 112 0.79 3.05 22.56
N PRO A 113 0.96 4.02 21.65
CA PRO A 113 1.87 3.83 20.52
C PRO A 113 3.19 3.15 20.84
N SER A 114 3.76 3.44 22.00
CA SER A 114 5.03 2.82 22.37
C SER A 114 4.89 1.31 22.53
N ALA A 115 3.66 0.84 22.69
CA ALA A 115 3.41 -0.59 22.86
C ALA A 115 3.43 -1.32 21.52
N ILE A 116 3.22 -0.57 20.44
CA ILE A 116 3.21 -1.14 19.10
C ILE A 116 4.64 -1.24 18.56
N ARG A 117 4.93 -2.35 17.89
CA ARG A 117 6.25 -2.59 17.29
C ARG A 117 6.72 -1.34 16.56
N LYS A 118 7.84 -0.77 17.00
CA LYS A 118 8.38 0.42 16.37
C LYS A 118 8.32 0.29 14.86
N GLU A 119 7.72 1.27 14.21
CA GLU A 119 7.58 1.26 12.76
C GLU A 119 8.96 1.23 12.13
N PRO A 120 9.05 0.73 10.90
CA PRO A 120 10.33 0.66 10.20
C PRO A 120 10.70 2.05 9.68
N ARG A 121 11.91 2.17 9.14
CA ARG A 121 12.36 3.44 8.60
C ARG A 121 12.19 3.47 7.09
N ILE A 122 11.72 4.60 6.56
CA ILE A 122 11.52 4.72 5.12
C ILE A 122 12.85 4.55 4.41
N PRO A 123 13.02 3.39 3.75
CA PRO A 123 14.24 3.04 3.01
C PRO A 123 14.66 4.05 1.96
N GLU A 124 15.88 3.85 1.46
CA GLU A 124 16.44 4.68 0.42
C GLU A 124 16.74 3.71 -0.69
N LEU A 125 15.83 3.59 -1.64
CA LEU A 125 16.00 2.65 -2.74
C LEU A 125 16.20 3.38 -4.07
N GLU A 126 17.42 3.30 -4.60
CA GLU A 126 17.75 3.91 -5.88
C GLU A 126 17.67 2.73 -6.86
N LEU A 127 16.67 2.75 -7.73
CA LEU A 127 16.45 1.67 -8.67
C LEU A 127 16.47 2.11 -10.14
N PRO A 128 16.85 1.20 -11.05
CA PRO A 128 16.92 1.45 -12.49
C PRO A 128 15.60 1.76 -13.21
N ALA A 129 14.76 0.73 -13.34
CA ALA A 129 13.48 0.85 -14.02
C ALA A 129 12.42 1.66 -13.27
N LYS A 130 11.69 2.48 -14.01
CA LYS A 130 10.64 3.35 -13.47
C LYS A 130 9.44 3.20 -14.40
N ILE A 131 8.35 2.62 -13.91
CA ILE A 131 7.17 2.43 -14.74
C ILE A 131 5.93 3.07 -14.12
N VAL A 132 5.18 3.81 -14.93
CA VAL A 132 3.94 4.44 -14.48
C VAL A 132 2.79 4.01 -15.39
N MET A 133 1.85 3.25 -14.83
CA MET A 133 0.72 2.75 -15.60
C MET A 133 -0.60 2.84 -14.82
N ASP A 134 -1.66 2.33 -15.42
CA ASP A 134 -2.96 2.34 -14.75
C ASP A 134 -3.01 1.13 -13.80
N ALA A 135 -3.28 1.41 -12.53
CA ALA A 135 -3.36 0.34 -11.54
C ALA A 135 -4.32 -0.75 -11.96
N GLY A 136 -5.39 -0.35 -12.65
CA GLY A 136 -6.39 -1.30 -13.10
C GLY A 136 -5.79 -2.35 -13.99
N GLU A 137 -4.97 -1.91 -14.94
CA GLU A 137 -4.32 -2.84 -15.84
C GLU A 137 -3.46 -3.79 -15.04
N PHE A 138 -2.58 -3.24 -14.21
CA PHE A 138 -1.67 -4.02 -13.37
C PHE A 138 -2.49 -5.09 -12.65
N LYS A 139 -3.59 -4.65 -12.04
CA LYS A 139 -4.47 -5.54 -11.30
C LYS A 139 -4.92 -6.74 -12.13
N LYS A 140 -5.31 -6.50 -13.37
CA LYS A 140 -5.74 -7.55 -14.27
C LYS A 140 -4.58 -8.47 -14.63
N ALA A 141 -3.40 -7.90 -14.87
CA ALA A 141 -2.23 -8.70 -15.21
C ALA A 141 -1.92 -9.67 -14.06
N ILE A 142 -1.91 -9.16 -12.83
CA ILE A 142 -1.62 -10.01 -11.69
C ILE A 142 -2.65 -11.13 -11.54
N ALA A 143 -3.92 -10.81 -11.76
CA ALA A 143 -4.98 -11.81 -11.64
C ALA A 143 -4.79 -12.91 -12.69
N ALA A 144 -4.45 -12.51 -13.91
CA ALA A 144 -4.20 -13.50 -14.95
C ALA A 144 -3.03 -14.38 -14.48
N ALA A 145 -1.91 -13.72 -14.17
CA ALA A 145 -0.72 -14.43 -13.72
C ALA A 145 -1.05 -15.36 -12.57
N ASP A 146 -1.87 -14.88 -11.64
CA ASP A 146 -2.25 -15.68 -10.47
C ASP A 146 -2.84 -17.05 -10.79
N LYS A 147 -3.32 -17.23 -12.01
CA LYS A 147 -3.89 -18.52 -12.38
C LYS A 147 -2.82 -19.50 -12.87
N ILE A 148 -1.59 -19.01 -13.03
CA ILE A 148 -0.50 -19.82 -13.52
C ILE A 148 0.56 -20.22 -12.49
N SER A 149 1.09 -19.23 -11.78
CA SER A 149 2.12 -19.52 -10.78
C SER A 149 1.78 -18.85 -9.47
N ASP A 150 2.60 -19.13 -8.47
CA ASP A 150 2.44 -18.53 -7.17
C ASP A 150 3.43 -17.38 -7.15
N GLN A 151 4.23 -17.30 -8.22
CA GLN A 151 5.23 -16.22 -8.38
C GLN A 151 5.26 -15.66 -9.81
N VAL A 152 5.68 -14.40 -9.93
CA VAL A 152 5.81 -13.75 -11.23
C VAL A 152 7.12 -12.98 -11.29
N ILE A 153 7.58 -12.70 -12.51
CA ILE A 153 8.80 -11.93 -12.69
C ILE A 153 8.48 -10.59 -13.33
N PHE A 154 9.02 -9.53 -12.75
CA PHE A 154 8.84 -8.18 -13.28
C PHE A 154 10.11 -7.95 -14.09
N ARG A 155 9.97 -7.83 -15.41
CA ARG A 155 11.13 -7.62 -16.27
C ARG A 155 11.03 -6.27 -16.98
N SER A 156 12.17 -5.63 -17.18
CA SER A 156 12.21 -4.32 -17.82
C SER A 156 13.52 -3.95 -18.52
N ASP A 157 13.38 -3.41 -19.74
CA ASP A 157 14.50 -2.94 -20.55
C ASP A 157 13.92 -2.01 -21.59
N LYS A 158 14.69 -1.70 -22.63
CA LYS A 158 14.23 -0.80 -23.69
C LYS A 158 12.98 -1.30 -24.44
N GLU A 159 12.75 -2.60 -24.41
CA GLU A 159 11.58 -3.16 -25.10
C GLU A 159 10.29 -2.73 -24.39
N GLY A 160 10.35 -2.61 -23.07
CA GLY A 160 9.19 -2.23 -22.30
C GLY A 160 9.14 -2.93 -20.95
N PHE A 161 7.94 -2.96 -20.36
CA PHE A 161 7.75 -3.58 -19.07
C PHE A 161 6.99 -4.90 -19.23
N ARG A 162 7.36 -5.90 -18.44
CA ARG A 162 6.73 -7.20 -18.53
C ARG A 162 6.52 -7.95 -17.21
N ILE A 163 5.38 -8.62 -17.11
CA ILE A 163 5.07 -9.42 -15.94
C ILE A 163 4.87 -10.80 -16.56
N GLU A 164 5.55 -11.79 -16.01
CA GLU A 164 5.46 -13.14 -16.55
C GLU A 164 5.34 -14.19 -15.46
N ALA A 165 4.63 -15.27 -15.77
CA ALA A 165 4.46 -16.37 -14.82
C ALA A 165 4.63 -17.65 -15.62
N LYS A 166 5.17 -18.69 -14.98
CA LYS A 166 5.37 -19.95 -15.67
C LYS A 166 4.83 -21.15 -14.91
N GLY A 167 4.09 -21.99 -15.62
CA GLY A 167 3.54 -23.19 -15.05
C GLY A 167 4.33 -24.32 -15.66
N ASP A 168 4.00 -25.57 -15.36
CA ASP A 168 4.74 -26.69 -15.95
C ASP A 168 4.15 -27.15 -17.29
N VAL A 169 3.03 -26.54 -17.66
CA VAL A 169 2.34 -26.89 -18.90
C VAL A 169 2.00 -25.65 -19.72
N ASP A 170 2.03 -24.49 -19.08
CA ASP A 170 1.70 -23.26 -19.78
C ASP A 170 2.34 -22.05 -19.12
N SER A 171 2.17 -20.90 -19.72
CA SER A 171 2.72 -19.68 -19.16
C SER A 171 1.90 -18.48 -19.62
N ILE A 172 2.15 -17.33 -19.00
CA ILE A 172 1.42 -16.14 -19.37
C ILE A 172 2.40 -14.97 -19.29
N VAL A 173 2.21 -13.99 -20.17
CA VAL A 173 3.07 -12.81 -20.20
C VAL A 173 2.28 -11.55 -20.48
N PHE A 174 2.48 -10.54 -19.63
CA PHE A 174 1.83 -9.26 -19.79
C PHE A 174 2.94 -8.36 -20.34
N HIS A 175 2.60 -7.47 -21.27
CA HIS A 175 3.63 -6.60 -21.84
C HIS A 175 3.10 -5.26 -22.31
N MET A 176 3.90 -4.22 -22.12
CA MET A 176 3.57 -2.87 -22.54
C MET A 176 4.86 -2.13 -22.90
N THR A 177 4.81 -1.34 -23.96
CA THR A 177 5.95 -0.57 -24.44
C THR A 177 5.77 0.84 -23.91
N GLU A 178 6.72 1.72 -24.21
CA GLU A 178 6.60 3.10 -23.75
C GLU A 178 5.34 3.75 -24.32
N THR A 179 4.98 3.37 -25.54
CA THR A 179 3.81 3.92 -26.19
C THR A 179 2.56 3.72 -25.35
N GLU A 180 2.49 2.57 -24.70
CA GLU A 180 1.33 2.22 -23.89
C GLU A 180 1.40 2.67 -22.42
N LEU A 181 2.60 2.74 -21.87
CA LEU A 181 2.77 3.17 -20.48
C LEU A 181 2.59 4.68 -20.40
N ILE A 182 2.29 5.19 -19.21
CA ILE A 182 2.12 6.64 -19.05
C ILE A 182 3.49 7.27 -19.02
N GLU A 183 4.45 6.59 -18.39
CA GLU A 183 5.83 7.07 -18.29
C GLU A 183 6.71 5.82 -18.25
N PHE A 184 7.89 5.89 -18.87
CA PHE A 184 8.78 4.73 -18.92
C PHE A 184 10.24 5.11 -19.24
N ASN A 185 11.16 4.78 -18.33
CA ASN A 185 12.58 5.11 -18.53
C ASN A 185 13.38 4.00 -19.18
N GLY A 186 12.73 2.89 -19.52
CA GLY A 186 13.43 1.79 -20.16
C GLY A 186 14.62 1.27 -19.39
N GLY A 187 14.62 1.42 -18.07
CA GLY A 187 15.73 0.90 -17.26
C GLY A 187 15.75 -0.63 -17.31
N GLU A 188 16.91 -1.22 -17.07
CA GLU A 188 17.00 -2.69 -17.08
C GLU A 188 16.87 -3.26 -15.70
N ALA A 189 15.91 -4.17 -15.52
CA ALA A 189 15.72 -4.80 -14.23
C ALA A 189 14.96 -6.12 -14.34
N ARG A 190 15.16 -6.96 -13.33
CA ARG A 190 14.49 -8.25 -13.27
C ARG A 190 14.44 -8.69 -11.84
N SER A 191 13.26 -9.04 -11.36
CA SER A 191 13.06 -9.51 -10.01
C SER A 191 11.87 -10.46 -9.98
N MET A 192 11.84 -11.34 -8.99
CA MET A 192 10.74 -12.29 -8.87
C MET A 192 9.95 -12.00 -7.61
N PHE A 193 8.62 -12.15 -7.67
CA PHE A 193 7.80 -11.88 -6.51
C PHE A 193 6.66 -12.85 -6.30
N SER A 194 6.15 -12.90 -5.07
CA SER A 194 5.03 -13.78 -4.77
C SER A 194 3.73 -13.13 -5.25
N VAL A 195 2.99 -13.88 -6.07
CA VAL A 195 1.72 -13.42 -6.61
C VAL A 195 0.68 -13.04 -5.56
N ASP A 196 0.71 -13.73 -4.43
CA ASP A 196 -0.25 -13.47 -3.35
C ASP A 196 -0.12 -12.10 -2.71
N TYR A 197 1.09 -11.59 -2.59
CA TYR A 197 1.24 -10.26 -2.01
C TYR A 197 0.72 -9.21 -2.98
N LEU A 198 1.02 -9.41 -4.26
CA LEU A 198 0.59 -8.49 -5.30
C LEU A 198 -0.94 -8.38 -5.41
N LYS A 199 -1.64 -9.52 -5.27
CA LYS A 199 -3.09 -9.53 -5.33
C LYS A 199 -3.66 -8.75 -4.15
N GLU A 200 -3.13 -9.04 -2.96
CA GLU A 200 -3.56 -8.37 -1.75
C GLU A 200 -3.32 -6.88 -1.86
N PHE A 201 -2.22 -6.51 -2.51
CA PHE A 201 -1.90 -5.11 -2.70
C PHE A 201 -2.95 -4.47 -3.59
N CYS A 202 -3.26 -5.16 -4.69
CA CYS A 202 -4.22 -4.65 -5.66
C CYS A 202 -5.67 -4.49 -5.18
N LYS A 203 -5.99 -5.06 -4.02
CA LYS A 203 -7.33 -4.96 -3.48
C LYS A 203 -7.72 -3.53 -3.13
N VAL A 204 -6.76 -2.62 -3.10
CA VAL A 204 -7.07 -1.24 -2.74
C VAL A 204 -7.02 -0.29 -3.94
N ALA A 205 -6.89 -0.85 -5.14
CA ALA A 205 -6.81 -0.06 -6.36
C ALA A 205 -7.73 -0.55 -7.47
N GLY A 206 -8.03 0.36 -8.41
CA GLY A 206 -8.87 0.03 -9.53
C GLY A 206 -8.59 0.92 -10.74
N SER A 207 -9.36 0.74 -11.81
CA SER A 207 -9.18 1.51 -13.01
C SER A 207 -9.25 3.01 -12.76
N GLY A 208 -8.31 3.75 -13.36
CA GLY A 208 -8.31 5.18 -13.19
C GLY A 208 -7.26 5.62 -12.19
N ASP A 209 -6.86 4.70 -11.32
CA ASP A 209 -5.85 5.03 -10.34
C ASP A 209 -4.46 4.83 -10.94
N LEU A 210 -3.53 5.71 -10.58
CA LEU A 210 -2.17 5.63 -11.10
C LEU A 210 -1.24 4.75 -10.26
N LEU A 211 -0.41 3.99 -10.94
CA LEU A 211 0.55 3.15 -10.27
C LEU A 211 1.97 3.42 -10.79
N THR A 212 2.90 3.65 -9.88
CA THR A 212 4.27 3.87 -10.28
C THR A 212 5.12 2.75 -9.73
N ILE A 213 5.83 2.06 -10.63
CA ILE A 213 6.68 0.95 -10.25
C ILE A 213 8.17 1.28 -10.31
N HIS A 214 8.88 0.97 -9.22
CA HIS A 214 10.32 1.17 -9.14
C HIS A 214 10.84 -0.26 -9.04
N LEU A 215 11.52 -0.70 -10.09
CA LEU A 215 12.02 -2.06 -10.15
C LEU A 215 13.53 -2.14 -10.35
N GLY A 216 14.13 -3.15 -9.72
CA GLY A 216 15.55 -3.39 -9.83
C GLY A 216 15.79 -4.87 -10.06
N THR A 217 17.02 -5.34 -9.89
CA THR A 217 17.32 -6.75 -10.09
C THR A 217 17.59 -7.47 -8.77
N ASN A 218 16.71 -8.41 -8.45
CA ASN A 218 16.79 -9.17 -7.20
C ASN A 218 16.75 -8.23 -6.00
N TYR A 219 15.93 -7.19 -6.14
CA TYR A 219 15.74 -6.19 -5.10
C TYR A 219 14.26 -6.02 -4.83
N PRO A 220 13.91 -5.41 -3.69
CA PRO A 220 12.50 -5.21 -3.36
C PRO A 220 11.90 -4.31 -4.45
N VAL A 221 10.59 -4.44 -4.69
CA VAL A 221 9.93 -3.59 -5.68
C VAL A 221 9.11 -2.52 -4.97
N ARG A 222 9.08 -1.32 -5.53
CA ARG A 222 8.30 -0.20 -4.95
C ARG A 222 7.04 -0.03 -5.79
N LEU A 223 5.88 -0.26 -5.18
CA LEU A 223 4.61 -0.10 -5.89
C LEU A 223 3.88 1.10 -5.28
N VAL A 224 4.04 2.27 -5.91
CA VAL A 224 3.40 3.47 -5.42
C VAL A 224 2.03 3.72 -6.03
N PHE A 225 0.97 3.41 -5.27
CA PHE A 225 -0.41 3.60 -5.75
C PHE A 225 -0.97 4.95 -5.36
N GLU A 226 -1.62 5.61 -6.31
CA GLU A 226 -2.26 6.90 -6.06
C GLU A 226 -3.76 6.64 -6.23
N LEU A 227 -4.49 6.67 -5.12
CA LEU A 227 -5.91 6.33 -5.13
C LEU A 227 -6.93 7.38 -4.70
N VAL A 228 -8.20 6.98 -4.83
CA VAL A 228 -9.34 7.82 -4.48
C VAL A 228 -9.24 9.18 -5.15
N GLY A 229 -9.11 9.15 -6.48
CA GLY A 229 -9.03 10.37 -7.25
C GLY A 229 -7.79 11.20 -6.96
N GLY A 230 -6.68 10.54 -6.67
CA GLY A 230 -5.47 11.26 -6.38
C GLY A 230 -5.42 11.88 -5.00
N ARG A 231 -6.38 11.53 -4.16
CA ARG A 231 -6.43 12.06 -2.80
C ARG A 231 -5.55 11.29 -1.82
N ALA A 232 -5.25 10.04 -2.14
CA ALA A 232 -4.41 9.22 -1.26
C ALA A 232 -3.21 8.61 -1.96
N LYS A 233 -2.16 8.37 -1.20
CA LYS A 233 -0.96 7.76 -1.74
C LYS A 233 -0.64 6.55 -0.88
N VAL A 234 -0.73 5.37 -1.47
CA VAL A 234 -0.45 4.14 -0.76
C VAL A 234 0.74 3.46 -1.41
N GLU A 235 1.83 3.33 -0.68
CA GLU A 235 3.01 2.68 -1.22
C GLU A 235 3.28 1.35 -0.57
N TYR A 236 3.50 0.34 -1.41
CA TYR A 236 3.83 -1.00 -0.95
C TYR A 236 5.23 -1.34 -1.45
N ILE A 237 6.05 -1.86 -0.54
CA ILE A 237 7.41 -2.28 -0.88
C ILE A 237 7.47 -3.77 -0.55
N LEU A 238 7.75 -4.57 -1.56
CA LEU A 238 7.79 -6.02 -1.38
C LEU A 238 9.16 -6.65 -1.60
N ALA A 239 9.56 -7.53 -0.69
CA ALA A 239 10.84 -8.23 -0.80
C ALA A 239 10.71 -9.23 -1.94
N PRO A 240 11.83 -9.52 -2.62
CA PRO A 240 11.84 -10.46 -3.73
C PRO A 240 12.04 -11.91 -3.34
N ARG A 241 11.73 -12.80 -4.28
CA ARG A 241 11.93 -14.22 -4.11
C ARG A 241 13.30 -14.50 -4.75
N ILE A 242 14.08 -15.38 -4.14
CA ILE A 242 15.41 -15.69 -4.64
C ILE A 242 15.62 -17.13 -5.08
N GLU A 243 16.15 -17.28 -6.28
CA GLU A 243 16.42 -18.60 -6.84
C GLU A 243 17.79 -19.02 -6.35
N SER A 244 17.97 -20.31 -6.09
CA SER A 244 19.25 -20.82 -5.62
C SER A 244 19.34 -22.34 -5.82
N GLU A 245 20.20 -22.99 -5.04
CA GLU A 245 20.36 -24.44 -5.14
C GLU A 245 20.35 -25.08 -3.75
N LYS B 1 16.74 -24.05 -5.42
CA LYS B 1 15.37 -23.89 -4.85
C LYS B 1 14.93 -22.44 -4.88
N THR B 2 13.86 -22.14 -4.13
CA THR B 2 13.32 -20.78 -4.08
C THR B 2 12.95 -20.37 -2.66
N THR B 3 13.59 -19.31 -2.18
CA THR B 3 13.34 -18.82 -0.86
C THR B 3 12.77 -17.43 -0.99
N GLN B 4 12.12 -16.95 0.07
CA GLN B 4 11.55 -15.61 0.11
C GLN B 4 12.53 -14.79 0.93
N SER B 5 13.04 -13.69 0.38
CA SER B 5 13.99 -12.89 1.16
C SER B 5 13.25 -11.99 2.15
N THR B 6 13.97 -11.57 3.19
CA THR B 6 13.38 -10.69 4.18
C THR B 6 13.58 -9.26 3.71
N LEU B 7 12.68 -8.38 4.14
CA LEU B 7 12.75 -6.99 3.73
C LEU B 7 13.97 -6.26 4.31
N ASP B 8 14.44 -6.68 5.49
CA ASP B 8 15.60 -6.04 6.09
C ASP B 8 16.93 -6.54 5.54
N SER B 9 16.90 -7.29 4.45
CA SER B 9 18.14 -7.76 3.86
C SER B 9 18.63 -6.62 2.97
N PHE B 10 17.73 -5.70 2.69
CA PHE B 10 18.07 -4.57 1.83
C PHE B 10 18.12 -3.27 2.58
N PHE B 11 17.29 -3.14 3.62
CA PHE B 11 17.29 -1.91 4.41
C PHE B 11 18.28 -2.12 5.56
N LYS B 12 19.34 -2.87 5.26
CA LYS B 12 20.42 -3.17 6.22
C LYS B 12 21.79 -2.88 5.61
#